data_3QUP
#
_entry.id   3QUP
#
_cell.length_a   46.986
_cell.length_b   57.343
_cell.length_c   60.562
_cell.angle_alpha   90.00
_cell.angle_beta   100.30
_cell.angle_gamma   90.00
#
_symmetry.space_group_name_H-M   'P 1 21 1'
#
loop_
_entity.id
_entity.type
_entity.pdbx_description
1 polymer 'Tyrosine-protein kinase receptor TYRO3'
2 non-polymer "(5-fluoro-1H-indol-2-yl)[(3R)-1'-[(3R)-piperidin-3-yl]spiro[indole-3,3'-pyrrolidin]-1(2H)-yl]methanone"
3 water water
#
_entity_poly.entity_id   1
_entity_poly.type   'polypeptide(L)'
_entity_poly.pdbx_seq_one_letter_code
;MLDSLGISDELKEKLEDVLIPEQQFTLGRMLGKGEFGSVREAQLKQEDGSFVKVAVKMLKADIIASSDIEEFLREAACMK
EFDHPHVAKLVGVSLRSRAKGRLPIPMVILPFMKHGDLHAFLLASRIGENPFNLPLQTLVRFMVDIACGMEYLSSRNFIH
RDLAARNCMLAEDMTVCVADFGLSRKIYSGDYYRQGCASKLPVKWLALESLADNLYTVHSDVWAFGVTMWEIMTRGQTPY
AGIENAEIYNYLIGGNRLKQPPECMEEVYDLMYQCWSADPKQRPSFTCLRMELENILGHLSVLSTSQDPLYINIERAHHH
HHH
;
_entity_poly.pdbx_strand_id   A
#
# COMPACT_ATOMS: atom_id res chain seq x y z
N GLU A 16 11.17 18.38 -18.25
CA GLU A 16 10.28 18.62 -17.07
C GLU A 16 11.06 18.73 -15.76
N ASP A 17 10.63 19.67 -14.91
CA ASP A 17 11.20 19.84 -13.56
C ASP A 17 10.79 18.65 -12.67
N VAL A 18 11.33 17.49 -13.02
CA VAL A 18 11.05 16.24 -12.32
C VAL A 18 12.38 15.51 -12.12
N LEU A 19 13.23 15.57 -13.14
CA LEU A 19 14.57 15.01 -13.09
C LEU A 19 15.49 15.82 -12.20
N ILE A 20 16.36 15.12 -11.48
CA ILE A 20 17.27 15.75 -10.52
C ILE A 20 18.70 15.30 -10.84
N PRO A 21 19.61 16.28 -11.06
CA PRO A 21 21.03 16.01 -11.28
C PRO A 21 21.68 15.21 -10.13
N PHE A 25 22.63 15.93 -4.87
CA PHE A 25 22.55 15.04 -3.72
C PHE A 25 23.66 13.98 -3.70
N THR A 26 23.98 13.49 -2.50
CA THR A 26 24.96 12.39 -2.34
C THR A 26 24.45 11.29 -1.42
N LEU A 27 24.70 10.04 -1.82
CA LEU A 27 24.18 8.86 -1.14
C LEU A 27 24.85 8.57 0.19
N GLY A 28 24.04 8.09 1.15
CA GLY A 28 24.48 7.86 2.53
C GLY A 28 24.26 6.43 3.00
N ARG A 29 23.80 6.27 4.25
CA ARG A 29 23.61 4.96 4.87
C ARG A 29 22.55 4.12 4.14
N MET A 30 22.70 2.80 4.17
CA MET A 30 21.70 1.88 3.65
C MET A 30 20.51 1.78 4.58
N LEU A 31 19.32 2.07 4.05
CA LEU A 31 18.09 2.04 4.83
C LEU A 31 17.41 0.67 4.79
N GLY A 32 17.43 0.03 3.63
CA GLY A 32 16.86 -1.31 3.47
C GLY A 32 17.06 -1.84 2.07
N LYS A 33 16.69 -3.10 1.86
CA LYS A 33 16.73 -3.70 0.52
C LYS A 33 15.72 -4.82 0.31
N GLY A 34 15.48 -5.16 -0.94
CA GLY A 34 14.59 -6.25 -1.32
C GLY A 34 14.66 -6.55 -2.80
N GLU A 35 13.75 -7.40 -3.27
CA GLU A 35 13.62 -7.72 -4.69
C GLU A 35 13.60 -6.47 -5.59
N PHE A 36 12.77 -5.49 -5.21
CA PHE A 36 12.67 -4.19 -5.89
C PHE A 36 14.01 -3.45 -6.01
N GLY A 37 14.98 -3.85 -5.20
CA GLY A 37 16.28 -3.18 -5.13
C GLY A 37 16.55 -2.75 -3.70
N SER A 38 17.21 -1.61 -3.55
CA SER A 38 17.63 -1.15 -2.23
C SER A 38 17.30 0.32 -2.03
N VAL A 39 17.27 0.75 -0.78
CA VAL A 39 16.98 2.14 -0.44
C VAL A 39 18.08 2.65 0.48
N ARG A 40 18.54 3.87 0.20
CA ARG A 40 19.46 4.52 1.10
C ARG A 40 19.09 5.98 1.34
N GLU A 41 19.52 6.51 2.48
CA GLU A 41 19.30 7.93 2.74
C GLU A 41 20.28 8.77 1.93
N ALA A 42 19.93 10.04 1.73
CA ALA A 42 20.77 10.96 0.99
C ALA A 42 20.47 12.39 1.43
N GLN A 43 21.44 13.28 1.23
CA GLN A 43 21.26 14.69 1.53
C GLN A 43 21.10 15.46 0.23
N LEU A 44 19.99 16.17 0.11
CA LEU A 44 19.71 16.92 -1.11
C LEU A 44 20.22 18.35 -0.99
N VAL A 52 18.37 18.86 2.92
CA VAL A 52 17.20 18.05 3.23
C VAL A 52 17.55 16.57 3.16
N LYS A 53 17.16 15.81 4.18
CA LYS A 53 17.34 14.36 4.18
C LYS A 53 16.21 13.66 3.42
N VAL A 54 16.58 12.75 2.53
CA VAL A 54 15.60 12.02 1.70
C VAL A 54 15.84 10.52 1.72
N ALA A 55 14.90 9.77 1.14
CA ALA A 55 15.08 8.36 0.89
C ALA A 55 15.29 8.20 -0.62
N VAL A 56 16.22 7.34 -0.99
CA VAL A 56 16.53 7.13 -2.41
C VAL A 56 16.40 5.66 -2.77
N LYS A 57 15.46 5.39 -3.67
CA LYS A 57 15.14 4.05 -4.08
C LYS A 57 16.01 3.62 -5.26
N MET A 58 16.77 2.53 -5.10
CA MET A 58 17.60 1.98 -6.18
C MET A 58 16.82 0.87 -6.88
N LEU A 59 16.85 0.85 -8.22
CA LEU A 59 16.06 -0.10 -9.02
C LEU A 59 16.83 -1.29 -9.60
N SER A 66 16.90 -0.21 -21.77
CA SER A 66 16.69 1.00 -22.58
C SER A 66 15.22 1.39 -22.58
N SER A 67 14.38 0.44 -22.97
CA SER A 67 12.94 0.60 -23.02
C SER A 67 12.35 0.75 -21.62
N ASP A 68 12.83 -0.08 -20.69
CA ASP A 68 12.39 -0.05 -19.30
C ASP A 68 12.70 1.29 -18.61
N ILE A 69 13.91 1.80 -18.85
CA ILE A 69 14.34 3.10 -18.32
C ILE A 69 13.58 4.25 -19.02
N GLU A 70 12.94 3.92 -20.13
CA GLU A 70 12.18 4.88 -20.91
C GLU A 70 10.86 5.23 -20.23
N GLU A 71 10.03 4.23 -19.96
CA GLU A 71 8.70 4.44 -19.41
C GLU A 71 8.72 4.77 -17.90
N PHE A 72 9.79 4.35 -17.23
CA PHE A 72 10.06 4.77 -15.86
C PHE A 72 9.94 6.28 -15.77
N LEU A 73 10.64 6.97 -16.67
CA LEU A 73 10.66 8.43 -16.70
C LEU A 73 9.28 8.97 -17.07
N ARG A 74 8.62 8.30 -18.01
CA ARG A 74 7.29 8.68 -18.46
C ARG A 74 6.31 8.71 -17.29
N GLU A 75 6.23 7.60 -16.55
CA GLU A 75 5.30 7.48 -15.43
C GLU A 75 5.74 8.30 -14.22
N ALA A 76 7.05 8.47 -14.06
CA ALA A 76 7.61 9.38 -13.06
C ALA A 76 6.96 10.75 -13.15
N ALA A 77 6.74 11.23 -14.38
CA ALA A 77 6.18 12.56 -14.62
C ALA A 77 4.73 12.69 -14.17
N CYS A 78 3.99 11.60 -14.30
CA CYS A 78 2.61 11.61 -13.86
C CYS A 78 2.49 11.50 -12.33
N MET A 79 3.36 10.70 -11.71
CA MET A 79 3.43 10.55 -10.25
C MET A 79 3.84 11.83 -9.52
N LYS A 80 4.69 12.63 -10.16
CA LYS A 80 5.14 13.90 -9.59
C LYS A 80 4.00 14.86 -9.29
N GLU A 81 2.91 14.76 -10.06
CA GLU A 81 1.81 15.67 -9.81
C GLU A 81 0.79 15.20 -8.77
N PHE A 82 1.00 14.02 -8.16
CA PHE A 82 0.15 13.60 -7.02
C PHE A 82 0.31 14.63 -5.93
N ASP A 83 -0.80 15.11 -5.38
CA ASP A 83 -0.75 16.08 -4.30
C ASP A 83 -1.91 15.85 -3.34
N HIS A 84 -1.63 15.07 -2.29
CA HIS A 84 -2.63 14.66 -1.34
C HIS A 84 -1.97 14.20 -0.03
N PRO A 85 -2.56 14.58 1.12
CA PRO A 85 -2.04 14.29 2.46
C PRO A 85 -1.84 12.79 2.78
N HIS A 86 -2.56 11.94 2.08
CA HIS A 86 -2.48 10.48 2.30
C HIS A 86 -1.86 9.71 1.14
N VAL A 87 -1.14 10.43 0.30
CA VAL A 87 -0.29 9.85 -0.73
C VAL A 87 1.12 10.38 -0.58
N ALA A 88 2.11 9.49 -0.52
CA ALA A 88 3.51 9.93 -0.43
C ALA A 88 3.87 10.80 -1.64
N LYS A 89 4.44 11.96 -1.34
CA LYS A 89 4.90 12.88 -2.36
C LYS A 89 6.06 12.23 -3.09
N LEU A 90 6.25 12.60 -4.33
CA LEU A 90 7.46 12.27 -5.06
C LEU A 90 8.30 13.56 -5.05
N VAL A 91 9.52 13.47 -4.54
CA VAL A 91 10.44 14.62 -4.60
C VAL A 91 10.93 14.75 -6.04
N GLY A 92 11.41 13.64 -6.61
CA GLY A 92 11.84 13.58 -8.01
C GLY A 92 12.44 12.25 -8.39
N VAL A 93 13.04 12.18 -9.58
CA VAL A 93 13.75 10.99 -10.05
C VAL A 93 15.14 11.34 -10.58
N SER A 94 16.04 10.36 -10.58
CA SER A 94 17.42 10.57 -11.00
C SER A 94 18.04 9.31 -11.63
N LEU A 95 19.20 9.50 -12.26
CA LEU A 95 19.92 8.43 -12.96
C LEU A 95 21.40 8.34 -12.57
N ARG A 96 21.83 7.15 -12.16
CA ARG A 96 23.18 6.89 -11.68
C ARG A 96 23.87 5.88 -12.59
N SER A 97 25.20 5.85 -12.55
CA SER A 97 25.97 4.85 -13.29
C SER A 97 27.33 4.58 -12.67
N ILE A 105 21.32 2.72 -13.25
CA ILE A 105 20.16 2.34 -12.42
C ILE A 105 19.22 3.55 -12.21
N PRO A 106 17.91 3.37 -12.48
CA PRO A 106 16.91 4.42 -12.19
C PRO A 106 16.77 4.63 -10.69
N MET A 107 16.62 5.89 -10.27
CA MET A 107 16.44 6.20 -8.85
C MET A 107 15.21 7.04 -8.58
N VAL A 108 14.50 6.71 -7.51
CA VAL A 108 13.32 7.47 -7.09
C VAL A 108 13.66 8.22 -5.79
N ILE A 109 13.49 9.55 -5.81
CA ILE A 109 13.83 10.41 -4.68
C ILE A 109 12.56 10.80 -3.91
N LEU A 110 12.53 10.41 -2.63
CA LEU A 110 11.34 10.48 -1.80
C LEU A 110 11.62 11.22 -0.48
N PRO A 111 10.59 11.86 0.12
CA PRO A 111 10.83 12.48 1.43
C PRO A 111 11.16 11.40 2.47
N PHE A 112 12.11 11.69 3.36
CA PHE A 112 12.50 10.71 4.35
C PHE A 112 11.42 10.67 5.44
N MET A 113 10.84 9.50 5.63
CA MET A 113 9.80 9.34 6.65
C MET A 113 10.32 8.44 7.75
N LYS A 114 10.77 9.07 8.84
CA LYS A 114 11.47 8.35 9.91
C LYS A 114 10.68 7.25 10.59
N HIS A 115 9.35 7.40 10.68
CA HIS A 115 8.51 6.39 11.33
C HIS A 115 8.41 5.07 10.56
N GLY A 116 8.95 5.03 9.35
CA GLY A 116 8.90 3.85 8.47
C GLY A 116 7.50 3.42 8.01
N ASP A 117 7.41 2.16 7.60
CA ASP A 117 6.16 1.63 7.05
C ASP A 117 5.21 1.05 8.07
N LEU A 118 3.94 0.99 7.68
CA LEU A 118 2.89 0.51 8.53
C LEU A 118 3.03 -0.96 8.94
N HIS A 119 3.51 -1.81 8.04
CA HIS A 119 3.61 -3.24 8.43
C HIS A 119 4.59 -3.43 9.63
N ALA A 120 5.77 -2.86 9.50
CA ALA A 120 6.79 -2.90 10.55
C ALA A 120 6.26 -2.34 11.90
N PHE A 121 5.38 -1.33 11.83
CA PHE A 121 4.80 -0.69 13.01
C PHE A 121 3.77 -1.62 13.68
N LEU A 122 2.94 -2.24 12.86
CA LEU A 122 1.94 -3.18 13.38
C LEU A 122 2.65 -4.36 14.06
N LEU A 123 3.74 -4.82 13.43
CA LEU A 123 4.55 -5.92 13.97
C LEU A 123 5.14 -5.49 15.32
N ALA A 124 5.73 -4.29 15.34
CA ALA A 124 6.33 -3.72 16.56
C ALA A 124 5.33 -3.49 17.70
N SER A 125 4.05 -3.35 17.39
CA SER A 125 3.06 -3.39 18.46
C SER A 125 2.96 -4.79 19.14
N ARG A 126 3.03 -5.84 18.31
CA ARG A 126 2.86 -7.24 18.76
C ARG A 126 4.10 -7.86 19.40
N ILE A 127 5.26 -7.63 18.78
CA ILE A 127 6.54 -8.16 19.26
C ILE A 127 7.58 -7.04 19.35
N PRO A 131 6.14 -3.66 23.69
CA PRO A 131 5.07 -3.97 22.75
C PRO A 131 3.94 -2.97 22.93
N PHE A 132 3.86 -2.00 22.03
CA PHE A 132 2.87 -0.93 22.25
C PHE A 132 1.42 -1.30 21.99
N ASN A 133 0.54 -0.59 22.68
CA ASN A 133 -0.84 -0.83 22.37
C ASN A 133 -1.65 0.37 21.88
N LEU A 134 -2.34 0.08 20.79
CA LEU A 134 -3.11 1.00 19.97
C LEU A 134 -4.60 0.65 20.13
N PRO A 135 -5.44 1.66 20.44
CA PRO A 135 -6.89 1.38 20.54
C PRO A 135 -7.52 0.98 19.19
N LEU A 136 -8.73 0.41 19.21
CA LEU A 136 -9.45 0.13 17.96
C LEU A 136 -9.54 1.39 17.09
N GLN A 137 -9.65 2.56 17.75
CA GLN A 137 -9.78 3.86 17.10
C GLN A 137 -8.60 4.16 16.19
N THR A 138 -7.42 3.77 16.64
CA THR A 138 -6.20 4.03 15.89
C THR A 138 -6.12 3.15 14.63
N LEU A 139 -6.54 1.89 14.77
CA LEU A 139 -6.53 0.91 13.69
C LEU A 139 -7.54 1.28 12.61
N VAL A 140 -8.72 1.73 13.04
CA VAL A 140 -9.73 2.16 12.08
C VAL A 140 -9.28 3.46 11.42
N ARG A 141 -8.64 4.34 12.18
CA ARG A 141 -8.10 5.56 11.58
C ARG A 141 -7.01 5.27 10.55
N PHE A 142 -6.17 4.28 10.78
CA PHE A 142 -5.22 3.91 9.72
C PHE A 142 -5.96 3.54 8.42
N MET A 143 -7.08 2.83 8.55
CA MET A 143 -7.86 2.39 7.37
C MET A 143 -8.48 3.58 6.66
N VAL A 144 -9.02 4.54 7.42
CA VAL A 144 -9.56 5.77 6.85
C VAL A 144 -8.50 6.52 6.06
N ASP A 145 -7.31 6.67 6.65
CA ASP A 145 -6.18 7.36 6.01
C ASP A 145 -5.88 6.70 4.66
N ILE A 146 -5.79 5.37 4.66
CA ILE A 146 -5.40 4.67 3.42
C ILE A 146 -6.50 4.78 2.37
N ALA A 147 -7.75 4.69 2.83
CA ALA A 147 -8.91 4.87 1.97
C ALA A 147 -8.97 6.25 1.31
N CYS A 148 -8.67 7.32 2.05
CA CYS A 148 -8.50 8.68 1.47
C CYS A 148 -7.44 8.78 0.37
N GLY A 149 -6.27 8.21 0.60
CA GLY A 149 -5.22 8.30 -0.39
C GLY A 149 -5.58 7.48 -1.60
N MET A 150 -6.26 6.36 -1.39
CA MET A 150 -6.61 5.47 -2.51
C MET A 150 -7.80 6.09 -3.28
N GLU A 151 -8.73 6.69 -2.54
CA GLU A 151 -9.79 7.48 -3.17
C GLU A 151 -9.20 8.54 -4.12
N TYR A 152 -8.21 9.28 -3.64
CA TYR A 152 -7.49 10.27 -4.45
C TYR A 152 -6.85 9.64 -5.69
N LEU A 153 -6.08 8.57 -5.50
CA LEU A 153 -5.43 7.93 -6.66
C LEU A 153 -6.42 7.44 -7.70
N SER A 154 -7.49 6.78 -7.26
CA SER A 154 -8.49 6.27 -8.21
C SER A 154 -9.22 7.42 -8.89
N SER A 155 -9.39 8.53 -8.17
CA SER A 155 -9.97 9.77 -8.77
C SER A 155 -9.11 10.31 -9.91
N ARG A 156 -7.80 10.04 -9.85
CA ARG A 156 -6.87 10.39 -10.93
C ARG A 156 -6.67 9.25 -11.92
N ASN A 157 -7.53 8.22 -11.88
CA ASN A 157 -7.40 7.05 -12.75
C ASN A 157 -6.12 6.20 -12.56
N PHE A 158 -5.53 6.26 -11.38
CA PHE A 158 -4.26 5.61 -11.15
C PHE A 158 -4.48 4.30 -10.40
N ILE A 159 -3.98 3.19 -10.96
CA ILE A 159 -4.09 1.87 -10.37
C ILE A 159 -2.75 1.54 -9.69
N HIS A 160 -2.79 1.36 -8.38
CA HIS A 160 -1.62 1.10 -7.57
C HIS A 160 -0.98 -0.27 -7.87
N ARG A 161 -1.78 -1.33 -7.87
CA ARG A 161 -1.30 -2.73 -8.15
C ARG A 161 -0.57 -3.41 -7.01
N ASP A 162 -0.04 -2.65 -6.04
CA ASP A 162 0.70 -3.28 -4.94
C ASP A 162 0.32 -2.72 -3.58
N LEU A 163 -0.97 -2.48 -3.35
CA LEU A 163 -1.41 -1.96 -2.04
C LEU A 163 -1.24 -3.02 -0.95
N ALA A 164 -0.53 -2.67 0.10
CA ALA A 164 -0.29 -3.59 1.20
C ALA A 164 0.24 -2.72 2.34
N ALA A 165 0.11 -3.18 3.58
CA ALA A 165 0.63 -2.45 4.80
C ALA A 165 2.10 -2.05 4.65
N ARG A 166 2.92 -2.94 4.04
CA ARG A 166 4.34 -2.68 3.84
C ARG A 166 4.57 -1.48 2.91
N ASN A 167 3.57 -1.14 2.09
CA ASN A 167 3.72 -0.06 1.12
C ASN A 167 2.96 1.21 1.55
N CYS A 168 2.58 1.24 2.81
CA CYS A 168 1.97 2.45 3.43
C CYS A 168 2.98 3.00 4.42
N MET A 169 3.24 4.30 4.34
CA MET A 169 4.27 4.90 5.20
C MET A 169 3.60 5.72 6.32
N LEU A 170 4.28 5.80 7.47
CA LEU A 170 3.81 6.64 8.56
C LEU A 170 4.48 8.01 8.53
N ALA A 171 3.69 9.08 8.46
CA ALA A 171 4.26 10.42 8.40
C ALA A 171 4.60 10.88 9.81
N GLU A 172 5.19 12.07 9.89
CA GLU A 172 5.58 12.63 11.18
C GLU A 172 4.40 12.72 12.18
N ASP A 173 3.22 13.08 11.70
CA ASP A 173 2.07 13.21 12.56
C ASP A 173 1.31 11.87 12.72
N MET A 174 2.00 10.77 12.44
CA MET A 174 1.44 9.41 12.47
C MET A 174 0.25 9.21 11.55
N THR A 175 0.06 10.07 10.54
CA THR A 175 -0.96 9.77 9.54
C THR A 175 -0.34 8.76 8.55
N VAL A 176 -1.16 7.94 7.90
CA VAL A 176 -0.65 6.98 6.88
C VAL A 176 -0.78 7.57 5.48
N CYS A 177 0.25 7.31 4.64
CA CYS A 177 0.36 7.78 3.28
C CYS A 177 0.59 6.55 2.37
N VAL A 178 -0.24 6.38 1.32
CA VAL A 178 0.01 5.33 0.31
C VAL A 178 1.30 5.62 -0.45
N ALA A 179 2.13 4.60 -0.65
CA ALA A 179 3.44 4.80 -1.28
C ALA A 179 3.73 3.66 -2.26
N ASP A 180 4.90 3.74 -2.89
CA ASP A 180 5.48 2.65 -3.68
C ASP A 180 4.51 2.27 -4.80
N PHE A 181 4.44 3.16 -5.78
CA PHE A 181 3.43 3.07 -6.82
C PHE A 181 3.80 2.09 -7.95
N GLY A 182 5.08 1.75 -8.05
CA GLY A 182 5.53 0.61 -8.86
C GLY A 182 6.58 0.95 -9.91
N LEU A 183 7.37 1.99 -9.66
CA LEU A 183 8.45 2.36 -10.56
C LEU A 183 9.61 1.36 -10.48
N LEU A 201 2.70 -11.33 -8.65
CA LEU A 201 3.78 -11.69 -7.72
C LEU A 201 3.48 -11.47 -6.22
N PRO A 202 2.87 -10.30 -5.82
CA PRO A 202 2.44 -10.26 -4.42
C PRO A 202 1.11 -10.98 -4.30
N VAL A 203 1.20 -12.31 -4.42
CA VAL A 203 0.05 -13.15 -4.65
C VAL A 203 -1.03 -13.01 -3.59
N LYS A 204 -0.62 -12.96 -2.32
CA LYS A 204 -1.56 -12.90 -1.21
C LYS A 204 -2.44 -11.60 -1.15
N TRP A 205 -2.06 -10.56 -1.90
CA TRP A 205 -2.88 -9.31 -1.99
C TRP A 205 -3.67 -9.18 -3.32
N LEU A 206 -3.53 -10.17 -4.21
CA LEU A 206 -4.07 -10.08 -5.56
C LEU A 206 -5.46 -10.67 -5.74
N ALA A 207 -6.32 -9.91 -6.43
CA ALA A 207 -7.70 -10.34 -6.64
C ALA A 207 -7.74 -11.59 -7.54
N LEU A 208 -8.81 -12.37 -7.50
CA LEU A 208 -8.98 -13.51 -8.43
C LEU A 208 -8.66 -13.20 -9.89
N GLU A 209 -9.18 -12.08 -10.40
CA GLU A 209 -9.02 -11.75 -11.79
C GLU A 209 -7.64 -11.21 -12.15
N SER A 210 -6.92 -10.65 -11.17
CA SER A 210 -5.52 -10.37 -11.34
C SER A 210 -4.68 -11.64 -11.45
N LEU A 211 -4.98 -12.63 -10.61
CA LEU A 211 -4.23 -13.88 -10.62
C LEU A 211 -4.51 -14.65 -11.90
N ALA A 212 -5.79 -14.70 -12.32
CA ALA A 212 -6.21 -15.55 -13.47
C ALA A 212 -6.07 -14.85 -14.83
N ASP A 213 -6.33 -13.55 -14.87
CA ASP A 213 -6.34 -12.85 -16.14
C ASP A 213 -5.40 -11.68 -16.22
N ASN A 214 -4.55 -11.50 -15.20
CA ASN A 214 -3.67 -10.33 -15.16
C ASN A 214 -4.37 -8.98 -15.32
N LEU A 215 -5.56 -8.87 -14.77
CA LEU A 215 -6.38 -7.67 -14.86
C LEU A 215 -6.21 -6.82 -13.59
N TYR A 216 -5.77 -5.58 -13.74
CA TYR A 216 -5.57 -4.66 -12.61
C TYR A 216 -6.45 -3.45 -12.80
N THR A 217 -7.37 -3.23 -11.87
CA THR A 217 -8.32 -2.12 -11.96
C THR A 217 -8.44 -1.48 -10.58
N VAL A 218 -9.30 -0.47 -10.45
CA VAL A 218 -9.65 0.02 -9.13
C VAL A 218 -10.23 -1.11 -8.22
N HIS A 219 -10.92 -2.09 -8.83
CA HIS A 219 -11.56 -3.14 -8.07
C HIS A 219 -10.57 -4.14 -7.48
N SER A 220 -9.48 -4.35 -8.18
CA SER A 220 -8.41 -5.17 -7.63
C SER A 220 -7.59 -4.37 -6.58
N ASP A 221 -7.47 -3.06 -6.78
CA ASP A 221 -6.92 -2.19 -5.69
C ASP A 221 -7.76 -2.29 -4.42
N VAL A 222 -9.09 -2.42 -4.59
CA VAL A 222 -10.01 -2.51 -3.46
C VAL A 222 -9.84 -3.86 -2.75
N TRP A 223 -9.71 -4.95 -3.53
CA TRP A 223 -9.41 -6.28 -2.92
C TRP A 223 -8.15 -6.18 -2.02
N ALA A 224 -7.07 -5.59 -2.52
CA ALA A 224 -5.80 -5.46 -1.76
C ALA A 224 -5.99 -4.54 -0.58
N PHE A 225 -6.89 -3.56 -0.71
CA PHE A 225 -7.25 -2.73 0.45
C PHE A 225 -7.87 -3.60 1.51
N GLY A 226 -8.74 -4.51 1.08
CA GLY A 226 -9.36 -5.44 2.05
C GLY A 226 -8.34 -6.31 2.79
N VAL A 227 -7.40 -6.84 2.04
CA VAL A 227 -6.29 -7.57 2.67
C VAL A 227 -5.51 -6.67 3.66
N THR A 228 -5.26 -5.43 3.25
CA THR A 228 -4.63 -4.46 4.12
C THR A 228 -5.40 -4.19 5.42
N MET A 229 -6.72 -4.04 5.32
CA MET A 229 -7.58 -3.96 6.53
C MET A 229 -7.35 -5.18 7.45
N TRP A 230 -7.29 -6.37 6.86
CA TRP A 230 -7.04 -7.62 7.64
C TRP A 230 -5.68 -7.61 8.33
N GLU A 231 -4.63 -7.16 7.64
CA GLU A 231 -3.30 -6.99 8.22
C GLU A 231 -3.33 -6.01 9.41
N ILE A 232 -4.01 -4.89 9.23
CA ILE A 232 -4.20 -3.91 10.33
C ILE A 232 -4.87 -4.58 11.53
N MET A 233 -5.96 -5.33 11.30
CA MET A 233 -6.68 -5.96 12.40
C MET A 233 -5.94 -7.12 13.08
N THR A 234 -5.01 -7.73 12.38
CA THR A 234 -4.24 -8.83 12.93
C THR A 234 -2.90 -8.31 13.40
N ARG A 235 -2.68 -7.00 13.31
CA ARG A 235 -1.40 -6.40 13.65
C ARG A 235 -0.21 -7.01 12.90
N GLY A 236 -0.34 -7.14 11.58
CA GLY A 236 0.80 -7.45 10.74
C GLY A 236 1.07 -8.92 10.49
N GLN A 237 0.10 -9.76 10.82
CA GLN A 237 0.19 -11.21 10.53
C GLN A 237 0.20 -11.44 9.02
N THR A 238 0.99 -12.43 8.57
CA THR A 238 1.03 -12.81 7.16
C THR A 238 -0.33 -13.39 6.77
N PRO A 239 -0.96 -12.84 5.71
CA PRO A 239 -2.24 -13.43 5.29
C PRO A 239 -2.12 -14.90 4.81
N TYR A 240 -3.10 -15.72 5.11
CA TYR A 240 -3.15 -17.11 4.64
C TYR A 240 -1.94 -17.86 5.21
N ALA A 241 -1.60 -17.59 6.47
CA ALA A 241 -0.39 -18.18 7.04
C ALA A 241 -0.54 -19.69 6.98
N GLY A 242 0.55 -20.37 6.60
CA GLY A 242 0.51 -21.82 6.41
C GLY A 242 -0.18 -22.27 5.13
N ILE A 243 -0.43 -21.33 4.22
CA ILE A 243 -0.91 -21.65 2.87
C ILE A 243 0.07 -21.05 1.87
N GLU A 244 0.53 -21.84 0.90
CA GLU A 244 1.56 -21.37 -0.02
C GLU A 244 0.96 -20.53 -1.15
N ASN A 245 1.79 -19.66 -1.72
CA ASN A 245 1.41 -18.82 -2.87
C ASN A 245 0.80 -19.61 -4.01
N ALA A 246 1.40 -20.76 -4.29
CA ALA A 246 0.99 -21.63 -5.40
C ALA A 246 -0.39 -22.23 -5.21
N GLU A 247 -0.92 -22.15 -3.99
CA GLU A 247 -2.23 -22.71 -3.69
C GLU A 247 -3.27 -21.64 -3.41
N ILE A 248 -2.86 -20.38 -3.46
CA ILE A 248 -3.76 -19.26 -3.11
C ILE A 248 -5.00 -19.23 -4.02
N TYR A 249 -4.79 -19.25 -5.33
CA TYR A 249 -5.92 -19.26 -6.28
C TYR A 249 -6.91 -20.37 -6.00
N ASN A 250 -6.41 -21.61 -5.91
CA ASN A 250 -7.26 -22.75 -5.56
C ASN A 250 -8.04 -22.50 -4.27
N TYR A 251 -7.37 -21.92 -3.26
CA TYR A 251 -8.04 -21.56 -2.00
C TYR A 251 -9.23 -20.62 -2.25
N LEU A 252 -8.99 -19.59 -3.05
CA LEU A 252 -9.99 -18.53 -3.32
C LEU A 252 -11.17 -18.95 -4.21
N ILE A 253 -10.92 -19.56 -5.37
CA ILE A 253 -12.05 -20.06 -6.19
C ILE A 253 -12.83 -21.11 -5.43
N GLY A 254 -12.25 -21.63 -4.36
CA GLY A 254 -12.97 -22.51 -3.41
C GLY A 254 -14.06 -21.79 -2.66
N GLY A 255 -13.98 -20.46 -2.61
CA GLY A 255 -14.94 -19.66 -1.86
C GLY A 255 -14.41 -19.36 -0.47
N ASN A 256 -13.15 -19.71 -0.24
CA ASN A 256 -12.50 -19.46 1.04
C ASN A 256 -11.92 -18.06 1.07
N ARG A 257 -11.94 -17.41 2.22
CA ARG A 257 -11.35 -16.08 2.38
C ARG A 257 -10.51 -16.02 3.66
N LEU A 258 -9.84 -14.90 3.90
CA LEU A 258 -9.18 -14.67 5.18
C LEU A 258 -10.20 -14.67 6.30
N LYS A 259 -9.86 -15.30 7.43
CA LYS A 259 -10.83 -15.50 8.52
C LYS A 259 -10.98 -14.25 9.40
N GLN A 260 -12.15 -14.08 10.00
CA GLN A 260 -12.37 -12.99 10.92
C GLN A 260 -11.39 -13.14 12.09
N PRO A 261 -10.54 -12.13 12.31
CA PRO A 261 -9.61 -12.18 13.43
C PRO A 261 -10.39 -12.28 14.73
N PRO A 262 -9.81 -12.95 15.76
CA PRO A 262 -10.55 -13.22 17.00
C PRO A 262 -11.29 -12.01 17.59
N GLU A 263 -10.58 -10.88 17.74
CA GLU A 263 -11.14 -9.74 18.47
C GLU A 263 -11.90 -8.76 17.55
N CYS A 264 -11.81 -8.99 16.25
CA CYS A 264 -12.27 -8.04 15.23
C CYS A 264 -13.75 -7.75 15.26
N MET A 265 -14.08 -6.46 15.41
CA MET A 265 -15.44 -5.95 15.31
C MET A 265 -16.11 -6.47 14.03
N GLU A 266 -17.30 -7.02 14.17
CA GLU A 266 -17.99 -7.69 13.08
C GLU A 266 -18.16 -6.79 11.87
N GLU A 267 -18.47 -5.53 12.12
CA GLU A 267 -18.77 -4.57 11.07
C GLU A 267 -17.52 -4.23 10.24
N VAL A 268 -16.35 -4.28 10.90
CA VAL A 268 -15.07 -4.11 10.21
C VAL A 268 -14.78 -5.32 9.35
N TYR A 269 -15.04 -6.53 9.87
CA TYR A 269 -14.84 -7.74 9.10
C TYR A 269 -15.80 -7.80 7.92
N ASP A 270 -17.05 -7.40 8.13
CA ASP A 270 -18.04 -7.36 7.04
C ASP A 270 -17.56 -6.48 5.87
N LEU A 271 -16.95 -5.34 6.19
CA LEU A 271 -16.43 -4.44 5.16
C LEU A 271 -15.27 -5.02 4.38
N MET A 272 -14.28 -5.59 5.07
CA MET A 272 -13.15 -6.15 4.37
C MET A 272 -13.57 -7.34 3.54
N TYR A 273 -14.57 -8.09 4.03
CA TYR A 273 -15.06 -9.27 3.34
C TYR A 273 -15.68 -8.85 2.00
N GLN A 274 -16.46 -7.76 2.02
CA GLN A 274 -17.02 -7.22 0.79
C GLN A 274 -15.95 -6.96 -0.28
N CYS A 275 -14.74 -6.58 0.15
CA CYS A 275 -13.65 -6.19 -0.77
C CYS A 275 -13.15 -7.40 -1.57
N TRP A 276 -13.47 -8.59 -1.07
CA TRP A 276 -13.02 -9.85 -1.68
C TRP A 276 -14.12 -10.59 -2.42
N SER A 277 -15.15 -9.86 -2.85
CA SER A 277 -16.19 -10.46 -3.70
C SER A 277 -15.55 -10.98 -5.00
N ALA A 278 -15.96 -12.17 -5.44
CA ALA A 278 -15.53 -12.71 -6.73
C ALA A 278 -15.86 -11.75 -7.88
N ASP A 279 -17.06 -11.20 -7.87
CA ASP A 279 -17.48 -10.19 -8.84
C ASP A 279 -16.84 -8.85 -8.49
N PRO A 280 -15.91 -8.34 -9.33
CA PRO A 280 -15.23 -7.05 -9.07
C PRO A 280 -16.22 -5.88 -8.92
N LYS A 281 -17.33 -5.91 -9.65
CA LYS A 281 -18.34 -4.84 -9.58
C LYS A 281 -19.12 -4.83 -8.27
N GLN A 282 -19.04 -5.91 -7.50
CA GLN A 282 -19.72 -6.03 -6.22
C GLN A 282 -18.87 -5.50 -5.04
N ARG A 283 -17.62 -5.13 -5.31
CA ARG A 283 -16.73 -4.66 -4.25
C ARG A 283 -17.01 -3.18 -4.05
N PRO A 284 -16.92 -2.68 -2.81
CA PRO A 284 -17.24 -1.25 -2.64
C PRO A 284 -16.19 -0.33 -3.29
N SER A 285 -16.55 0.93 -3.52
CA SER A 285 -15.59 1.87 -4.08
C SER A 285 -14.78 2.38 -2.89
N PHE A 286 -13.68 3.09 -3.15
CA PHE A 286 -12.88 3.69 -2.07
C PHE A 286 -13.64 4.80 -1.36
N THR A 287 -14.49 5.46 -2.14
CA THR A 287 -15.38 6.48 -1.56
C THR A 287 -16.32 5.84 -0.56
N CYS A 288 -16.95 4.74 -0.95
CA CYS A 288 -17.84 4.00 -0.07
C CYS A 288 -17.12 3.38 1.14
N LEU A 289 -15.91 2.89 0.92
CA LEU A 289 -15.07 2.40 2.05
C LEU A 289 -14.80 3.49 3.11
N ARG A 290 -14.40 4.66 2.62
CA ARG A 290 -14.06 5.80 3.45
C ARG A 290 -15.30 6.27 4.25
N MET A 291 -16.45 6.39 3.58
CA MET A 291 -17.69 6.74 4.29
C MET A 291 -18.02 5.72 5.37
N GLU A 292 -18.01 4.43 5.04
CA GLU A 292 -18.33 3.42 6.05
C GLU A 292 -17.33 3.36 7.19
N LEU A 293 -16.03 3.46 6.87
CA LEU A 293 -14.96 3.59 7.90
C LEU A 293 -15.07 4.86 8.76
N GLU A 294 -15.47 5.98 8.15
CA GLU A 294 -15.61 7.23 8.92
C GLU A 294 -16.78 7.12 9.89
N ASN A 295 -17.91 6.61 9.38
CA ASN A 295 -19.04 6.34 10.25
C ASN A 295 -18.71 5.46 11.45
N ILE A 296 -18.03 4.34 11.21
CA ILE A 296 -17.56 3.42 12.26
C ILE A 296 -16.69 4.17 13.27
N LEU A 297 -15.79 5.00 12.76
CA LEU A 297 -14.88 5.79 13.58
C LEU A 297 -15.66 6.79 14.44
N GLY A 298 -16.74 7.35 13.87
CA GLY A 298 -17.60 8.29 14.59
C GLY A 298 -18.47 7.65 15.66
N HIS A 299 -18.58 6.33 15.62
CA HIS A 299 -19.40 5.54 16.53
C HIS A 299 -18.56 4.77 17.54
#